data_9CIB
#
_entry.id   9CIB
#
_cell.length_a   1.00
_cell.length_b   1.00
_cell.length_c   1.00
_cell.angle_alpha   90.00
_cell.angle_beta   90.00
_cell.angle_gamma   90.00
#
_symmetry.space_group_name_H-M   'P 1'
#
loop_
_entity.id
_entity.type
_entity.pdbx_description
1 polymer 'Hydroxycarboxylic acid receptor 2'
2 non-polymer (3M,4aR,5aR)-3-(1H-tetrazol-5-yl)-4,4a,5,5a-tetrahydro-1H-cyclopropa[4,5]cyclopenta[1,2-c]pyrazole
#
_entity_poly.entity_id   1
_entity_poly.type   'polypeptide(L)'
_entity_poly.pdbx_seq_one_letter_code
;SDHFLVINGKNCCVFRDENIAKVLPPVLGLEFVFGLLGNGLALWIFCFHLKSWKSSRIFLFNLAVADFLLIICLPFLTDN
YVHNWDWRFGGIPCRVMLFMLAMNKQGSIIFLTVVAVARYFRVVHPHHFLNKISNRTAAIISCFLWGLTIGLTVHLLYTN
MMTKNGEAYLCSSFSICYNFRWHDAMFLLEFFLPLAIILFCSGRIIWSLRQRQMDRHAKIKRAINFIMVVAIVFIICFLP
SVAVRIRIFWLLYKYNVRNCDIYSSVDLAFFTTLSFTYMNSMLDPVVYYFSSPS
;
_entity_poly.pdbx_strand_id   R
#
loop_
_chem_comp.id
_chem_comp.type
_chem_comp.name
_chem_comp.formula
XI9 non-polymer (3M,4aR,5aR)-3-(1H-tetrazol-5-yl)-4,4a,5,5a-tetrahydro-1H-cyclopropa[4,5]cyclopenta[1,2-c]pyrazole 'C8 H8 N6'
#
# COMPACT_ATOMS: atom_id res chain seq x y z
N SER A 1 28.14 -3.59 -17.96
CA SER A 1 28.24 -2.49 -17.02
C SER A 1 28.84 -2.96 -15.72
N ASP A 2 28.75 -2.11 -14.70
CA ASP A 2 29.16 -2.47 -13.34
C ASP A 2 28.07 -1.97 -12.40
N HIS A 3 27.21 -2.88 -11.95
CA HIS A 3 26.04 -2.50 -11.16
C HIS A 3 26.31 -2.41 -9.67
N PHE A 4 27.39 -3.01 -9.16
CA PHE A 4 27.70 -2.90 -7.75
C PHE A 4 27.78 -1.44 -7.36
N LEU A 5 27.22 -1.11 -6.20
CA LEU A 5 27.15 0.26 -5.72
C LEU A 5 27.11 0.22 -4.20
N VAL A 6 27.44 1.34 -3.57
CA VAL A 6 27.44 1.45 -2.12
C VAL A 6 26.39 2.48 -1.73
N ILE A 7 25.40 2.03 -0.95
CA ILE A 7 24.32 2.89 -0.50
C ILE A 7 24.35 2.88 1.03
N ASN A 8 24.60 4.05 1.62
CA ASN A 8 24.68 4.18 3.07
C ASN A 8 25.72 3.23 3.64
N GLY A 9 26.77 2.97 2.87
CA GLY A 9 27.84 2.09 3.28
C GLY A 9 27.59 0.62 3.04
N LYS A 10 26.44 0.25 2.48
CA LYS A 10 26.10 -1.15 2.26
C LYS A 10 26.26 -1.50 0.79
N ASN A 11 26.74 -2.72 0.54
CA ASN A 11 27.03 -3.20 -0.80
C ASN A 11 25.74 -3.68 -1.45
N CYS A 12 25.18 -2.88 -2.34
CA CYS A 12 24.03 -3.26 -3.14
C CYS A 12 24.48 -3.35 -4.59
N CYS A 13 23.53 -3.65 -5.47
CA CYS A 13 23.73 -3.35 -6.87
C CYS A 13 22.38 -3.11 -7.53
N VAL A 14 22.28 -2.00 -8.24
CA VAL A 14 21.03 -1.51 -8.79
C VAL A 14 21.13 -1.56 -10.31
N PHE A 15 20.04 -1.95 -10.96
CA PHE A 15 20.00 -2.09 -12.40
C PHE A 15 19.10 -1.03 -13.01
N ARG A 16 19.40 -0.67 -14.25
CA ARG A 16 18.71 0.39 -14.95
C ARG A 16 18.27 -0.14 -16.32
N ASP A 17 17.08 -0.73 -16.34
CA ASP A 17 16.54 -1.34 -17.55
C ASP A 17 15.50 -0.39 -18.16
N GLU A 18 15.64 -0.09 -19.45
CA GLU A 18 14.71 0.83 -20.10
C GLU A 18 13.29 0.29 -20.13
N ASN A 19 13.12 -1.03 -19.99
CA ASN A 19 11.77 -1.58 -19.90
C ASN A 19 11.01 -0.96 -18.74
N ILE A 20 11.70 -0.58 -17.66
CA ILE A 20 11.05 0.08 -16.55
C ILE A 20 10.54 1.45 -16.96
N ALA A 21 11.32 2.16 -17.79
CA ALA A 21 10.88 3.46 -18.28
C ALA A 21 9.78 3.30 -19.33
N LYS A 22 9.65 2.13 -19.92
CA LYS A 22 8.68 1.92 -20.99
C LYS A 22 7.33 1.45 -20.47
N VAL A 23 7.33 0.50 -19.54
CA VAL A 23 6.09 -0.15 -19.14
C VAL A 23 5.41 0.56 -17.97
N LEU A 24 6.16 0.96 -16.96
CA LEU A 24 5.55 1.45 -15.72
C LEU A 24 4.76 2.75 -15.91
N PRO A 25 5.27 3.75 -16.61
CA PRO A 25 4.51 4.99 -16.77
C PRO A 25 3.14 4.72 -17.39
N PRO A 26 3.03 3.75 -18.32
CA PRO A 26 1.70 3.35 -18.79
C PRO A 26 0.71 2.97 -17.70
N VAL A 27 1.14 2.29 -16.64
CA VAL A 27 0.24 1.92 -15.55
C VAL A 27 0.10 3.06 -14.55
N LEU A 28 1.18 3.80 -14.31
CA LEU A 28 1.17 4.84 -13.28
C LEU A 28 0.32 6.03 -13.70
N GLY A 29 0.31 6.38 -14.98
CA GLY A 29 -0.55 7.47 -15.42
C GLY A 29 -2.01 7.16 -15.21
N LEU A 30 -2.43 5.95 -15.59
CA LEU A 30 -3.81 5.54 -15.37
C LEU A 30 -4.13 5.50 -13.89
N GLU A 31 -3.22 4.97 -13.07
CA GLU A 31 -3.44 4.95 -11.65
C GLU A 31 -3.64 6.36 -11.11
N PHE A 32 -2.81 7.31 -11.54
CA PHE A 32 -2.93 8.68 -11.06
C PHE A 32 -4.28 9.29 -11.45
N VAL A 33 -4.65 9.20 -12.73
CA VAL A 33 -5.87 9.85 -13.16
C VAL A 33 -7.09 9.23 -12.48
N PHE A 34 -7.14 7.90 -12.40
CA PHE A 34 -8.28 7.27 -11.75
C PHE A 34 -8.31 7.54 -10.25
N GLY A 35 -7.14 7.52 -9.61
CA GLY A 35 -7.09 7.83 -8.19
C GLY A 35 -7.56 9.23 -7.89
N LEU A 36 -7.11 10.20 -8.68
CA LEU A 36 -7.66 11.55 -8.56
C LEU A 36 -9.17 11.52 -8.70
N LEU A 37 -9.67 11.10 -9.86
CA LEU A 37 -11.09 11.25 -10.14
C LEU A 37 -11.97 10.44 -9.20
N GLY A 38 -11.42 9.48 -8.46
CA GLY A 38 -12.20 8.80 -7.45
C GLY A 38 -12.05 9.37 -6.05
N ASN A 39 -10.81 9.50 -5.59
CA ASN A 39 -10.57 9.87 -4.20
C ASN A 39 -10.81 11.35 -3.96
N GLY A 40 -10.57 12.22 -4.95
CA GLY A 40 -10.94 13.61 -4.78
C GLY A 40 -12.42 13.78 -4.52
N LEU A 41 -13.24 12.95 -5.15
CA LEU A 41 -14.68 12.94 -4.87
C LEU A 41 -14.98 12.31 -3.51
N ALA A 42 -14.34 11.18 -3.20
CA ALA A 42 -14.52 10.55 -1.91
C ALA A 42 -14.14 11.49 -0.76
N LEU A 43 -13.29 12.48 -1.00
CA LEU A 43 -12.95 13.47 0.00
C LEU A 43 -13.86 14.69 -0.04
N TRP A 44 -14.10 15.24 -1.23
CA TRP A 44 -15.08 16.31 -1.37
C TRP A 44 -16.34 16.01 -0.57
N ILE A 45 -16.92 14.83 -0.79
CA ILE A 45 -17.96 14.27 0.06
C ILE A 45 -17.39 13.03 0.74
N PHE A 46 -17.49 13.00 2.07
CA PHE A 46 -17.02 11.84 2.82
C PHE A 46 -17.54 10.57 2.17
N CYS A 47 -16.62 9.68 1.79
CA CYS A 47 -16.96 8.48 1.04
C CYS A 47 -17.46 8.85 -0.36
N SER A 52 -18.88 11.95 7.67
CA SER A 52 -18.54 12.72 8.86
C SER A 52 -19.57 12.46 9.95
N TRP A 53 -20.72 11.94 9.55
CA TRP A 53 -21.80 11.71 10.50
C TRP A 53 -21.52 10.52 11.41
N LYS A 54 -21.08 9.40 10.84
CA LYS A 54 -20.89 8.16 11.57
C LYS A 54 -19.42 7.81 11.64
N SER A 55 -19.09 6.88 12.54
CA SER A 55 -17.71 6.44 12.67
C SER A 55 -17.21 5.77 11.40
N SER A 56 -18.05 4.97 10.75
CA SER A 56 -17.63 4.29 9.53
C SER A 56 -17.31 5.30 8.43
N ARG A 57 -18.13 6.34 8.29
CA ARG A 57 -17.82 7.41 7.35
C ARG A 57 -16.49 8.08 7.68
N ILE A 58 -16.20 8.25 8.96
CA ILE A 58 -14.92 8.86 9.36
C ILE A 58 -13.76 7.98 8.92
N PHE A 59 -13.86 6.68 9.18
CA PHE A 59 -12.77 5.77 8.81
C PHE A 59 -12.59 5.72 7.30
N LEU A 60 -13.69 5.68 6.56
CA LEU A 60 -13.58 5.69 5.10
C LEU A 60 -13.00 7.01 4.60
N PHE A 61 -13.33 8.11 5.27
CA PHE A 61 -12.74 9.40 4.91
C PHE A 61 -11.23 9.36 5.08
N ASN A 62 -10.76 8.78 6.19
CA ASN A 62 -9.32 8.67 6.39
C ASN A 62 -8.67 7.78 5.33
N LEU A 63 -9.33 6.68 4.98
CA LEU A 63 -8.80 5.83 3.92
C LEU A 63 -8.67 6.61 2.61
N ALA A 64 -9.70 7.39 2.27
CA ALA A 64 -9.65 8.19 1.06
C ALA A 64 -8.53 9.24 1.13
N VAL A 65 -8.31 9.82 2.30
CA VAL A 65 -7.23 10.80 2.46
C VAL A 65 -5.89 10.15 2.17
N ALA A 66 -5.67 8.97 2.75
CA ALA A 66 -4.41 8.27 2.51
C ALA A 66 -4.24 7.94 1.03
N ASP A 67 -5.30 7.48 0.37
CA ASP A 67 -5.19 7.15 -1.04
C ASP A 67 -4.89 8.39 -1.88
N PHE A 68 -5.55 9.50 -1.56
CA PHE A 68 -5.29 10.75 -2.26
C PHE A 68 -3.83 11.15 -2.13
N LEU A 69 -3.32 11.15 -0.89
CA LEU A 69 -1.93 11.52 -0.68
C LEU A 69 -0.99 10.60 -1.45
N LEU A 70 -1.28 9.29 -1.47
CA LEU A 70 -0.40 8.36 -2.16
C LEU A 70 -0.38 8.62 -3.65
N ILE A 71 -1.54 8.87 -4.26
CA ILE A 71 -1.56 9.05 -5.70
C ILE A 71 -0.96 10.40 -6.11
N ILE A 72 -1.16 11.46 -5.33
CA ILE A 72 -0.66 12.75 -5.78
C ILE A 72 0.85 12.77 -5.94
N CYS A 73 1.57 11.83 -5.31
CA CYS A 73 3.01 11.73 -5.45
C CYS A 73 3.44 10.72 -6.50
N LEU A 74 2.50 10.12 -7.22
CA LEU A 74 2.88 9.17 -8.27
C LEU A 74 3.50 9.85 -9.49
N PRO A 75 3.13 11.08 -9.86
CA PRO A 75 3.81 11.72 -10.99
C PRO A 75 5.32 11.82 -10.81
N PHE A 76 5.79 12.03 -9.59
CA PHE A 76 7.23 12.07 -9.34
C PHE A 76 7.87 10.70 -9.56
N LEU A 77 7.20 9.62 -9.18
CA LEU A 77 7.69 8.29 -9.53
C LEU A 77 7.74 8.11 -11.04
N THR A 78 6.71 8.57 -11.74
CA THR A 78 6.72 8.48 -13.20
C THR A 78 7.89 9.24 -13.78
N ASP A 79 8.21 10.40 -13.22
CA ASP A 79 9.37 11.16 -13.67
C ASP A 79 10.65 10.39 -13.42
N ASN A 80 10.79 9.80 -12.24
CA ASN A 80 11.96 9.00 -11.94
C ASN A 80 12.11 7.83 -12.91
N TYR A 81 10.99 7.31 -13.42
CA TYR A 81 11.07 6.17 -14.33
C TYR A 81 11.35 6.59 -15.76
N VAL A 82 10.65 7.60 -16.27
CA VAL A 82 10.82 7.98 -17.67
C VAL A 82 12.26 8.37 -17.94
N HIS A 83 12.95 8.95 -16.95
CA HIS A 83 14.36 9.28 -17.08
C HIS A 83 15.26 8.10 -16.71
N ASN A 84 14.70 6.90 -16.56
CA ASN A 84 15.47 5.71 -16.25
C ASN A 84 16.25 5.91 -14.95
N TRP A 85 15.51 6.04 -13.86
CA TRP A 85 16.09 6.14 -12.53
C TRP A 85 17.00 7.36 -12.40
N ASP A 86 16.47 8.53 -12.73
CA ASP A 86 17.19 9.80 -12.62
C ASP A 86 16.30 10.81 -11.93
N TRP A 87 16.54 11.01 -10.64
CA TRP A 87 15.84 12.01 -9.86
C TRP A 87 16.41 13.38 -10.18
N ARG A 88 15.54 14.32 -10.54
CA ARG A 88 15.97 15.66 -10.92
C ARG A 88 15.75 16.71 -9.84
N PHE A 89 15.26 16.32 -8.66
CA PHE A 89 14.80 17.31 -7.68
C PHE A 89 15.69 17.41 -6.45
N GLY A 90 16.58 16.45 -6.20
CA GLY A 90 17.48 16.54 -5.08
C GLY A 90 17.10 15.60 -3.94
N GLY A 91 17.76 15.79 -2.81
CA GLY A 91 17.69 14.80 -1.74
C GLY A 91 16.44 14.92 -0.90
N ILE A 92 16.25 16.09 -0.27
CA ILE A 92 15.14 16.30 0.65
C ILE A 92 13.83 15.99 -0.08
N PRO A 93 13.65 16.43 -1.32
CA PRO A 93 12.41 16.11 -2.03
C PRO A 93 12.11 14.62 -2.11
N CYS A 94 13.10 13.77 -2.37
CA CYS A 94 12.76 12.37 -2.59
C CYS A 94 12.75 11.59 -1.27
N ARG A 95 13.56 12.03 -0.31
CA ARG A 95 13.28 11.68 1.08
C ARG A 95 11.81 11.80 1.37
N VAL A 96 11.24 12.99 1.11
CA VAL A 96 9.85 13.25 1.43
C VAL A 96 8.92 12.39 0.57
N MET A 97 9.24 12.22 -0.71
CA MET A 97 8.40 11.45 -1.60
C MET A 97 8.33 9.98 -1.20
N LEU A 98 9.48 9.37 -0.89
CA LEU A 98 9.48 8.00 -0.41
C LEU A 98 8.78 7.87 0.93
N PHE A 99 8.98 8.85 1.82
CA PHE A 99 8.28 8.82 3.10
C PHE A 99 6.78 8.85 2.88
N MET A 100 6.32 9.70 1.97
CA MET A 100 4.90 9.80 1.69
C MET A 100 4.38 8.47 1.14
N LEU A 101 5.09 7.88 0.19
CA LEU A 101 4.65 6.59 -0.34
C LEU A 101 4.48 5.57 0.77
N ALA A 102 5.51 5.41 1.60
CA ALA A 102 5.45 4.40 2.65
C ALA A 102 4.34 4.68 3.65
N MET A 103 4.28 5.92 4.15
CA MET A 103 3.31 6.27 5.18
C MET A 103 1.87 6.16 4.65
N ASN A 104 1.62 6.60 3.43
CA ASN A 104 0.28 6.53 2.88
C ASN A 104 -0.14 5.10 2.59
N LYS A 105 0.76 4.25 2.07
CA LYS A 105 0.39 2.85 1.91
C LYS A 105 0.07 2.20 3.25
N GLN A 106 0.91 2.45 4.26
CA GLN A 106 0.65 1.87 5.58
C GLN A 106 -0.67 2.36 6.15
N GLY A 107 -0.96 3.65 5.99
CA GLY A 107 -2.23 4.18 6.49
C GLY A 107 -3.42 3.59 5.78
N SER A 108 -3.33 3.44 4.45
CA SER A 108 -4.42 2.82 3.70
C SER A 108 -4.66 1.39 4.18
N ILE A 109 -3.59 0.63 4.39
CA ILE A 109 -3.76 -0.74 4.87
C ILE A 109 -4.39 -0.75 6.26
N ILE A 110 -3.91 0.12 7.15
CA ILE A 110 -4.44 0.16 8.51
C ILE A 110 -5.94 0.46 8.47
N PHE A 111 -6.36 1.38 7.62
CA PHE A 111 -7.78 1.75 7.61
C PHE A 111 -8.64 0.72 6.91
N LEU A 112 -8.10 0.03 5.90
CA LEU A 112 -8.79 -1.16 5.40
C LEU A 112 -9.06 -2.14 6.54
N THR A 113 -8.04 -2.41 7.36
CA THR A 113 -8.20 -3.35 8.46
C THR A 113 -9.22 -2.83 9.48
N VAL A 114 -9.21 -1.53 9.76
CA VAL A 114 -10.15 -0.97 10.71
C VAL A 114 -11.58 -1.13 10.20
N VAL A 115 -11.80 -0.85 8.92
CA VAL A 115 -13.13 -1.04 8.35
C VAL A 115 -13.55 -2.50 8.42
N ALA A 116 -12.63 -3.41 8.10
CA ALA A 116 -12.95 -4.83 8.16
C ALA A 116 -13.35 -5.26 9.57
N VAL A 117 -12.60 -4.82 10.58
CA VAL A 117 -12.90 -5.22 11.95
C VAL A 117 -14.22 -4.59 12.41
N ALA A 118 -14.49 -3.35 12.01
CA ALA A 118 -15.75 -2.73 12.36
C ALA A 118 -16.92 -3.51 11.75
N ARG A 119 -16.79 -3.93 10.48
CA ARG A 119 -17.82 -4.75 9.89
C ARG A 119 -17.98 -6.07 10.64
N TYR A 120 -16.87 -6.67 11.04
CA TYR A 120 -16.94 -7.92 11.80
C TYR A 120 -17.73 -7.73 13.08
N PHE A 121 -17.44 -6.66 13.81
CA PHE A 121 -18.17 -6.41 15.05
C PHE A 121 -19.63 -6.09 14.78
N ARG A 122 -19.92 -5.45 13.65
CA ARG A 122 -21.28 -5.05 13.35
C ARG A 122 -22.15 -6.24 13.01
N VAL A 123 -21.59 -7.23 12.32
CA VAL A 123 -22.38 -8.39 11.87
C VAL A 123 -22.33 -9.53 12.89
N VAL A 124 -21.20 -9.72 13.58
CA VAL A 124 -21.06 -10.88 14.44
C VAL A 124 -21.45 -10.55 15.88
N HIS A 125 -21.25 -9.30 16.30
CA HIS A 125 -21.62 -8.85 17.64
C HIS A 125 -22.53 -7.64 17.50
N PRO A 126 -23.81 -7.85 17.16
CA PRO A 126 -24.70 -6.71 16.92
C PRO A 126 -24.86 -5.82 18.13
N HIS A 127 -24.82 -6.39 19.33
CA HIS A 127 -25.06 -5.65 20.56
C HIS A 127 -23.79 -5.41 21.36
N HIS A 128 -22.63 -5.46 20.72
CA HIS A 128 -21.42 -4.90 21.33
C HIS A 128 -21.55 -3.38 21.39
N PHE A 129 -20.77 -2.76 22.27
CA PHE A 129 -20.85 -1.31 22.39
C PHE A 129 -20.02 -0.62 21.31
N LEU A 130 -19.12 -1.33 20.64
CA LEU A 130 -18.36 -0.74 19.56
C LEU A 130 -19.26 -0.20 18.45
N ASN A 131 -20.41 -0.83 18.24
CA ASN A 131 -21.35 -0.40 17.22
C ASN A 131 -22.02 0.92 17.56
N LYS A 132 -21.83 1.39 18.78
CA LYS A 132 -22.53 2.63 19.22
C LYS A 132 -21.47 3.67 19.64
N ILE A 133 -20.23 3.53 19.15
CA ILE A 133 -19.18 4.52 19.42
C ILE A 133 -19.55 5.84 18.77
N SER A 134 -19.31 6.93 19.50
CA SER A 134 -19.59 8.27 19.00
C SER A 134 -18.46 8.75 18.08
N ASN A 135 -18.75 9.79 17.31
CA ASN A 135 -17.78 10.31 16.34
C ASN A 135 -16.49 10.72 17.01
N ARG A 136 -16.56 11.20 18.25
CA ARG A 136 -15.36 11.67 18.94
C ARG A 136 -14.35 10.55 19.10
N THR A 137 -14.80 9.37 19.54
CA THR A 137 -13.88 8.26 19.73
C THR A 137 -13.33 7.78 18.39
N ALA A 138 -14.14 7.84 17.34
CA ALA A 138 -13.64 7.51 16.01
C ALA A 138 -12.53 8.47 15.61
N ALA A 139 -12.71 9.76 15.88
CA ALA A 139 -11.68 10.74 15.56
C ALA A 139 -10.39 10.47 16.35
N ILE A 140 -10.52 10.15 17.63
CA ILE A 140 -9.33 9.92 18.45
C ILE A 140 -8.61 8.65 17.99
N ILE A 141 -9.35 7.59 17.69
CA ILE A 141 -8.74 6.37 17.18
C ILE A 141 -8.03 6.64 15.86
N SER A 142 -8.69 7.38 14.97
CA SER A 142 -8.09 7.69 13.68
C SER A 142 -6.81 8.50 13.85
N CYS A 143 -6.83 9.49 14.76
CA CYS A 143 -5.63 10.28 15.00
C CYS A 143 -4.51 9.42 15.55
N PHE A 144 -4.80 8.53 16.49
CA PHE A 144 -3.77 7.69 17.05
C PHE A 144 -3.20 6.75 16.00
N LEU A 145 -4.04 6.22 15.13
CA LEU A 145 -3.56 5.35 14.07
C LEU A 145 -2.67 6.11 13.08
N TRP A 146 -3.06 7.34 12.71
CA TRP A 146 -2.19 8.16 11.88
C TRP A 146 -0.86 8.40 12.57
N GLY A 147 -0.89 8.70 13.87
CA GLY A 147 0.34 8.91 14.61
C GLY A 147 1.22 7.68 14.62
N LEU A 148 0.60 6.50 14.73
CA LEU A 148 1.35 5.26 14.63
C LEU A 148 2.04 5.13 13.28
N THR A 149 1.31 5.45 12.22
CA THR A 149 1.90 5.36 10.88
C THR A 149 3.11 6.28 10.75
N ILE A 150 2.96 7.54 11.16
CA ILE A 150 4.09 8.46 11.03
C ILE A 150 5.24 8.02 11.92
N GLY A 151 4.95 7.59 13.14
CA GLY A 151 6.01 7.15 14.03
C GLY A 151 6.77 5.98 13.46
N LEU A 152 6.09 5.11 12.73
CA LEU A 152 6.76 3.97 12.11
C LEU A 152 7.57 4.37 10.89
N THR A 153 7.09 5.32 10.08
CA THR A 153 7.74 5.61 8.80
C THR A 153 8.59 6.86 8.78
N VAL A 154 8.72 7.60 9.89
CA VAL A 154 9.48 8.85 9.87
C VAL A 154 10.97 8.62 9.73
N HIS A 155 11.44 7.39 9.99
CA HIS A 155 12.85 7.10 9.78
C HIS A 155 13.28 7.33 8.35
N LEU A 156 12.33 7.29 7.40
CA LEU A 156 12.66 7.62 6.03
C LEU A 156 13.13 9.06 5.91
N LEU A 157 12.41 10.00 6.51
CA LEU A 157 12.91 11.37 6.57
C LEU A 157 14.17 11.46 7.40
N TYR A 158 14.30 10.64 8.43
CA TYR A 158 15.51 10.66 9.26
C TYR A 158 16.74 10.28 8.44
N THR A 159 16.63 9.25 7.61
CA THR A 159 17.78 8.66 6.96
C THR A 159 17.98 9.21 5.54
N ASN A 160 19.09 8.83 4.92
CA ASN A 160 19.45 9.26 3.57
C ASN A 160 19.09 8.16 2.58
N MET A 161 18.64 8.57 1.39
CA MET A 161 18.24 7.64 0.35
C MET A 161 18.74 8.03 -1.03
N MET A 162 19.35 9.20 -1.17
CA MET A 162 19.85 9.69 -2.45
C MET A 162 21.31 9.26 -2.58
N THR A 163 21.65 8.67 -3.73
CA THR A 163 23.00 8.17 -3.98
C THR A 163 23.33 8.31 -5.46
N LYS A 164 24.60 8.66 -5.71
CA LYS A 164 25.06 8.92 -7.11
C LYS A 164 25.43 7.61 -7.80
N ASN A 165 24.73 7.29 -8.87
CA ASN A 165 24.96 6.06 -9.65
C ASN A 165 25.60 6.47 -10.98
N GLY A 166 26.91 6.59 -10.97
CA GLY A 166 27.61 6.90 -12.21
C GLY A 166 27.28 8.30 -12.70
N GLU A 167 26.56 8.37 -13.81
CA GLU A 167 26.13 9.62 -14.40
C GLU A 167 24.72 10.03 -13.96
N ALA A 168 24.09 9.25 -13.08
CA ALA A 168 22.70 9.47 -12.68
C ALA A 168 22.60 9.61 -11.17
N TYR A 169 21.41 9.95 -10.71
CA TYR A 169 21.12 10.06 -9.29
C TYR A 169 19.94 9.16 -8.94
N LEU A 170 20.18 8.15 -8.09
CA LEU A 170 19.13 7.14 -7.77
C LEU A 170 18.54 7.34 -6.38
N CYS A 171 17.21 7.52 -6.28
CA CYS A 171 16.56 7.59 -4.94
C CYS A 171 15.68 6.35 -4.76
N SER A 172 15.83 5.62 -3.66
CA SER A 172 15.06 4.36 -3.52
C SER A 172 15.25 3.65 -2.17
N SER A 173 14.15 3.28 -1.52
CA SER A 173 14.15 2.47 -0.31
C SER A 173 14.14 0.98 -0.61
N PHE A 174 14.26 0.59 -1.88
CA PHE A 174 14.18 -0.81 -2.29
C PHE A 174 15.32 -1.19 -3.22
N SER A 175 16.55 -0.83 -2.85
CA SER A 175 17.72 -1.35 -3.54
C SER A 175 18.07 -2.73 -2.99
N ILE A 176 18.46 -3.62 -3.88
CA ILE A 176 18.78 -4.99 -3.49
C ILE A 176 20.11 -4.96 -2.74
N CYS A 177 20.05 -4.94 -1.41
CA CYS A 177 21.21 -4.76 -0.56
C CYS A 177 21.32 -5.93 0.41
N TYR A 178 22.56 -6.32 0.72
CA TYR A 178 22.80 -7.31 1.77
C TYR A 178 22.63 -6.61 3.13
N ASN A 179 21.40 -6.16 3.35
CA ASN A 179 21.07 -5.44 4.58
C ASN A 179 19.57 -5.63 4.82
N PHE A 180 19.24 -6.56 5.70
CA PHE A 180 17.86 -6.71 6.12
C PHE A 180 17.57 -5.74 7.24
N ARG A 181 16.72 -4.76 6.97
CA ARG A 181 16.47 -3.66 7.88
C ARG A 181 14.98 -3.58 8.19
N TRP A 182 14.65 -2.75 9.19
CA TRP A 182 13.28 -2.70 9.69
C TRP A 182 12.29 -2.32 8.60
N HIS A 183 12.74 -1.61 7.57
CA HIS A 183 11.85 -1.23 6.49
C HIS A 183 11.30 -2.47 5.79
N ASP A 184 12.13 -3.48 5.55
CA ASP A 184 11.67 -4.71 4.93
C ASP A 184 10.74 -5.52 5.83
N ALA A 185 11.04 -5.59 7.13
CA ALA A 185 10.12 -6.25 8.05
C ALA A 185 8.76 -5.57 8.07
N MET A 186 8.75 -4.24 8.07
CA MET A 186 7.48 -3.52 7.99
C MET A 186 6.78 -3.81 6.68
N PHE A 187 7.53 -3.88 5.58
CA PHE A 187 6.94 -4.13 4.28
C PHE A 187 6.24 -5.50 4.25
N LEU A 188 6.89 -6.52 4.84
CA LEU A 188 6.26 -7.83 4.90
C LEU A 188 5.06 -7.84 5.83
N LEU A 189 5.19 -7.21 7.00
CA LEU A 189 4.11 -7.25 7.99
C LEU A 189 2.87 -6.54 7.48
N GLU A 190 3.03 -5.37 6.85
CA GLU A 190 1.91 -4.63 6.31
C GLU A 190 1.02 -5.47 5.41
N PHE A 191 1.53 -6.59 4.92
CA PHE A 191 0.70 -7.55 4.20
C PHE A 191 0.24 -8.70 5.09
N PHE A 192 1.17 -9.33 5.82
CA PHE A 192 0.84 -10.59 6.45
C PHE A 192 -0.11 -10.41 7.63
N LEU A 193 0.07 -9.36 8.43
CA LEU A 193 -0.78 -9.22 9.61
C LEU A 193 -2.18 -8.69 9.25
N PRO A 194 -2.31 -7.54 8.58
CA PRO A 194 -3.65 -7.10 8.17
C PRO A 194 -4.34 -8.07 7.24
N LEU A 195 -3.63 -8.83 6.42
CA LEU A 195 -4.28 -9.86 5.62
C LEU A 195 -4.96 -10.89 6.52
N ALA A 196 -4.26 -11.35 7.56
CA ALA A 196 -4.85 -12.31 8.47
C ALA A 196 -6.08 -11.73 9.14
N ILE A 197 -5.99 -10.48 9.61
CA ILE A 197 -7.14 -9.86 10.26
C ILE A 197 -8.31 -9.77 9.29
N ILE A 198 -8.06 -9.32 8.07
CA ILE A 198 -9.13 -9.10 7.10
C ILE A 198 -9.79 -10.42 6.73
N LEU A 199 -9.00 -11.44 6.46
CA LEU A 199 -9.56 -12.74 6.08
C LEU A 199 -10.36 -13.34 7.22
N PHE A 200 -9.86 -13.27 8.45
CA PHE A 200 -10.61 -13.81 9.57
C PHE A 200 -11.93 -13.08 9.75
N CYS A 201 -11.85 -11.75 9.83
CA CYS A 201 -13.08 -10.96 10.04
C CYS A 201 -14.08 -11.36 8.95
N SER A 202 -13.64 -11.39 7.71
CA SER A 202 -14.59 -11.70 6.60
C SER A 202 -15.15 -13.11 6.78
N GLY A 203 -14.31 -14.08 7.15
CA GLY A 203 -14.81 -15.46 7.25
C GLY A 203 -15.88 -15.58 8.33
N ARG A 204 -15.65 -14.94 9.47
CA ARG A 204 -16.64 -14.95 10.57
C ARG A 204 -17.93 -14.25 10.12
N ILE A 205 -17.82 -13.12 9.41
CA ILE A 205 -19.03 -12.36 8.96
C ILE A 205 -19.84 -13.23 8.01
N ILE A 206 -19.18 -13.96 7.11
CA ILE A 206 -19.88 -14.77 6.08
C ILE A 206 -20.43 -16.03 6.74
N TRP A 207 -19.74 -16.56 7.75
CA TRP A 207 -20.23 -17.72 8.48
C TRP A 207 -21.45 -17.34 9.32
N SER A 208 -21.40 -16.19 10.00
CA SER A 208 -22.53 -15.76 10.81
C SER A 208 -23.74 -15.46 9.94
N LEU A 209 -23.54 -14.83 8.79
CA LEU A 209 -24.67 -14.51 7.94
C LEU A 209 -25.31 -15.78 7.39
N ARG A 210 -24.51 -16.78 7.04
CA ARG A 210 -25.07 -17.96 6.40
C ARG A 210 -25.91 -18.82 7.35
N GLN A 211 -25.88 -18.51 8.65
CA GLN A 211 -26.72 -19.24 9.59
C GLN A 211 -28.14 -18.69 9.69
N ARG A 212 -28.45 -17.58 9.04
CA ARG A 212 -29.76 -16.95 9.12
C ARG A 212 -30.30 -16.72 7.72
N GLN A 213 -31.49 -17.27 7.46
CA GLN A 213 -32.06 -17.31 6.12
C GLN A 213 -33.46 -16.70 6.09
N MET A 214 -33.64 -15.54 6.72
CA MET A 214 -34.98 -14.98 6.93
C MET A 214 -35.37 -14.08 5.74
N ASP A 215 -35.33 -14.69 4.55
CA ASP A 215 -36.02 -14.17 3.38
C ASP A 215 -35.55 -12.76 3.01
N ARG A 216 -34.24 -12.52 2.98
CA ARG A 216 -33.71 -11.21 2.51
C ARG A 216 -32.37 -11.49 1.84
N HIS A 217 -32.23 -12.68 1.24
CA HIS A 217 -30.95 -13.07 0.64
C HIS A 217 -30.50 -12.12 -0.44
N ALA A 218 -31.43 -11.40 -1.07
CA ALA A 218 -31.09 -10.57 -2.21
C ALA A 218 -29.96 -9.60 -1.88
N LYS A 219 -29.95 -9.07 -0.66
CA LYS A 219 -28.94 -8.08 -0.28
C LYS A 219 -27.83 -8.65 0.58
N ILE A 220 -28.12 -9.70 1.36
CA ILE A 220 -27.06 -10.35 2.11
C ILE A 220 -26.05 -10.98 1.17
N LYS A 221 -26.54 -11.55 0.07
CA LYS A 221 -25.59 -12.08 -0.94
C LYS A 221 -24.70 -10.92 -1.37
N ARG A 222 -25.31 -9.79 -1.75
CA ARG A 222 -24.54 -8.65 -2.23
C ARG A 222 -23.45 -8.27 -1.22
N ALA A 223 -23.80 -8.23 0.07
CA ALA A 223 -22.82 -7.89 1.09
C ALA A 223 -21.70 -8.92 1.15
N ILE A 224 -22.05 -10.21 1.07
CA ILE A 224 -21.03 -11.25 1.09
C ILE A 224 -20.11 -11.12 -0.12
N ASN A 225 -20.68 -10.85 -1.29
CA ASN A 225 -19.87 -10.67 -2.48
C ASN A 225 -18.92 -9.51 -2.31
N PHE A 226 -19.37 -8.41 -1.72
CA PHE A 226 -18.51 -7.25 -1.55
C PHE A 226 -17.39 -7.53 -0.55
N ILE A 227 -17.68 -8.26 0.53
CA ILE A 227 -16.62 -8.62 1.47
C ILE A 227 -15.56 -9.47 0.77
N MET A 228 -16.00 -10.47 0.01
CA MET A 228 -15.05 -11.31 -0.73
C MET A 228 -14.27 -10.48 -1.74
N VAL A 229 -14.93 -9.51 -2.38
CA VAL A 229 -14.24 -8.67 -3.35
C VAL A 229 -13.13 -7.89 -2.68
N VAL A 230 -13.41 -7.35 -1.49
CA VAL A 230 -12.37 -6.62 -0.76
C VAL A 230 -11.19 -7.53 -0.47
N ALA A 231 -11.46 -8.74 0.03
CA ALA A 231 -10.36 -9.64 0.38
C ALA A 231 -9.51 -9.98 -0.84
N ILE A 232 -10.16 -10.37 -1.95
CA ILE A 232 -9.40 -10.76 -3.13
C ILE A 232 -8.67 -9.58 -3.74
N VAL A 233 -9.28 -8.39 -3.72
CA VAL A 233 -8.58 -7.22 -4.24
C VAL A 233 -7.31 -6.96 -3.45
N PHE A 234 -7.40 -7.00 -2.13
CA PHE A 234 -6.21 -6.83 -1.30
C PHE A 234 -5.14 -7.85 -1.67
N ILE A 235 -5.53 -9.12 -1.77
CA ILE A 235 -4.54 -10.16 -2.02
C ILE A 235 -3.87 -9.94 -3.37
N ILE A 236 -4.66 -9.77 -4.43
CA ILE A 236 -4.06 -9.65 -5.75
C ILE A 236 -3.21 -8.40 -5.84
N CYS A 237 -3.60 -7.32 -5.18
CA CYS A 237 -2.81 -6.09 -5.25
C CYS A 237 -1.46 -6.26 -4.56
N PHE A 238 -1.45 -6.81 -3.35
CA PHE A 238 -0.25 -6.71 -2.52
C PHE A 238 0.61 -7.97 -2.46
N LEU A 239 0.06 -9.16 -2.69
CA LEU A 239 0.86 -10.37 -2.57
C LEU A 239 2.02 -10.44 -3.55
N PRO A 240 1.87 -10.08 -4.84
CA PRO A 240 2.98 -10.24 -5.78
C PRO A 240 4.30 -9.61 -5.34
N SER A 241 4.28 -8.35 -4.94
CA SER A 241 5.51 -7.68 -4.55
C SER A 241 6.15 -8.35 -3.34
N VAL A 242 5.34 -8.74 -2.36
CA VAL A 242 5.88 -9.45 -1.19
C VAL A 242 6.53 -10.75 -1.62
N ALA A 243 5.90 -11.48 -2.54
CA ALA A 243 6.47 -12.73 -3.00
C ALA A 243 7.81 -12.52 -3.68
N VAL A 244 7.87 -11.51 -4.56
CA VAL A 244 9.13 -11.21 -5.24
C VAL A 244 10.20 -10.84 -4.22
N ARG A 245 9.83 -10.04 -3.22
CA ARG A 245 10.81 -9.64 -2.20
C ARG A 245 11.29 -10.82 -1.38
N ILE A 246 10.42 -11.80 -1.13
CA ILE A 246 10.84 -12.99 -0.38
C ILE A 246 11.82 -13.82 -1.20
N ARG A 247 11.55 -13.94 -2.51
CA ARG A 247 12.55 -14.52 -3.39
C ARG A 247 13.87 -13.75 -3.32
N ILE A 248 13.78 -12.42 -3.29
CA ILE A 248 14.98 -11.59 -3.21
C ILE A 248 15.75 -11.89 -1.93
N PHE A 249 15.05 -12.07 -0.82
CA PHE A 249 15.74 -12.33 0.45
C PHE A 249 16.35 -13.72 0.47
N TRP A 250 15.68 -14.70 -0.13
CA TRP A 250 16.29 -16.02 -0.25
C TRP A 250 17.57 -15.95 -1.06
N LEU A 251 17.52 -15.26 -2.20
CA LEU A 251 18.72 -15.10 -3.01
C LEU A 251 19.82 -14.40 -2.22
N LEU A 252 19.50 -13.30 -1.54
CA LEU A 252 20.51 -12.57 -0.79
C LEU A 252 21.15 -13.45 0.28
N TYR A 253 20.32 -14.22 0.98
CA TYR A 253 20.85 -15.10 2.02
C TYR A 253 21.81 -16.13 1.42
N LYS A 254 21.43 -16.74 0.30
CA LYS A 254 22.28 -17.79 -0.25
C LYS A 254 23.35 -17.24 -1.18
N TYR A 255 22.98 -16.40 -2.14
CA TYR A 255 23.98 -15.81 -3.08
C TYR A 255 24.19 -14.33 -2.76
N ASN A 256 25.22 -14.00 -1.99
CA ASN A 256 25.48 -12.62 -1.62
C ASN A 256 25.80 -11.81 -2.88
N VAL A 257 25.88 -10.50 -2.73
CA VAL A 257 25.95 -9.62 -3.89
C VAL A 257 27.40 -9.53 -4.36
N ARG A 258 27.74 -10.45 -5.26
CA ARG A 258 29.11 -10.46 -5.84
C ARG A 258 28.99 -10.65 -7.35
N ASN A 259 28.06 -11.51 -7.78
CA ASN A 259 27.85 -11.80 -9.19
C ASN A 259 26.45 -11.33 -9.56
N CYS A 260 26.09 -10.16 -9.04
CA CYS A 260 24.70 -9.84 -8.76
C CYS A 260 23.86 -9.70 -10.01
N ASP A 261 24.42 -9.97 -11.20
CA ASP A 261 23.59 -10.06 -12.40
C ASP A 261 22.42 -11.02 -12.20
N ILE A 262 22.55 -12.00 -11.30
CA ILE A 262 21.47 -12.95 -11.05
C ILE A 262 20.23 -12.28 -10.49
N TYR A 263 20.38 -11.15 -9.80
CA TYR A 263 19.24 -10.39 -9.29
C TYR A 263 18.53 -9.62 -10.40
N SER A 264 19.17 -9.47 -11.56
CA SER A 264 18.69 -8.52 -12.54
C SER A 264 17.21 -8.74 -12.84
N SER A 265 16.84 -9.98 -13.15
CA SER A 265 15.43 -10.25 -13.42
C SER A 265 14.56 -9.92 -12.22
N VAL A 266 14.87 -10.47 -11.04
CA VAL A 266 13.97 -10.31 -9.91
C VAL A 266 13.77 -8.83 -9.63
N ASP A 267 14.84 -8.04 -9.69
CA ASP A 267 14.71 -6.60 -9.46
C ASP A 267 13.63 -6.02 -10.36
N LEU A 268 13.73 -6.25 -11.67
CA LEU A 268 12.69 -5.75 -12.56
C LEU A 268 11.32 -6.20 -12.10
N ALA A 269 11.18 -7.50 -11.81
CA ALA A 269 9.90 -8.00 -11.33
C ALA A 269 9.38 -7.16 -10.18
N PHE A 270 10.23 -6.92 -9.18
CA PHE A 270 9.77 -6.17 -8.02
C PHE A 270 9.17 -4.83 -8.44
N PHE A 271 9.88 -4.09 -9.28
CA PHE A 271 9.40 -2.75 -9.60
C PHE A 271 8.25 -2.79 -10.59
N THR A 272 8.00 -3.94 -11.22
CA THR A 272 6.78 -4.10 -11.99
C THR A 272 5.60 -4.51 -11.12
N THR A 273 5.85 -4.98 -9.90
CA THR A 273 4.77 -5.37 -9.00
C THR A 273 4.41 -4.28 -7.99
N LEU A 274 5.35 -3.44 -7.60
CA LEU A 274 5.00 -2.30 -6.75
C LEU A 274 3.88 -1.49 -7.35
N SER A 275 3.84 -1.37 -8.68
CA SER A 275 2.76 -0.65 -9.32
C SER A 275 1.40 -1.14 -8.85
N PHE A 276 1.22 -2.45 -8.74
CA PHE A 276 -0.05 -2.99 -8.29
C PHE A 276 -0.43 -2.45 -6.92
N THR A 277 0.53 -2.34 -6.00
CA THR A 277 0.23 -1.82 -4.68
C THR A 277 -0.32 -0.41 -4.74
N TYR A 278 0.07 0.39 -5.73
CA TYR A 278 -0.54 1.71 -5.89
C TYR A 278 -1.95 1.59 -6.47
N MET A 279 -2.16 0.64 -7.37
CA MET A 279 -3.46 0.50 -8.04
C MET A 279 -4.57 0.24 -7.03
N ASN A 280 -4.26 -0.39 -5.89
CA ASN A 280 -5.28 -0.57 -4.87
C ASN A 280 -5.99 0.75 -4.58
N SER A 281 -5.22 1.84 -4.47
CA SER A 281 -5.80 3.11 -4.08
C SER A 281 -6.81 3.64 -5.08
N MET A 282 -6.72 3.22 -6.36
CA MET A 282 -7.73 3.64 -7.32
C MET A 282 -8.92 2.70 -7.35
N LEU A 283 -8.76 1.45 -6.91
CA LEU A 283 -9.88 0.54 -6.78
C LEU A 283 -10.72 0.83 -5.55
N ASP A 284 -10.07 1.22 -4.45
CA ASP A 284 -10.77 1.34 -3.17
C ASP A 284 -12.03 2.18 -3.26
N PRO A 285 -12.05 3.32 -3.95
CA PRO A 285 -13.31 4.06 -4.06
C PRO A 285 -14.44 3.24 -4.65
N VAL A 286 -14.14 2.39 -5.64
CA VAL A 286 -15.18 1.56 -6.24
C VAL A 286 -15.63 0.46 -5.27
N VAL A 287 -14.69 -0.14 -4.55
CA VAL A 287 -15.03 -1.24 -3.66
C VAL A 287 -15.85 -0.74 -2.48
N TYR A 288 -15.42 0.35 -1.84
CA TYR A 288 -16.01 0.76 -0.58
C TYR A 288 -17.10 1.80 -0.72
N TYR A 289 -16.89 2.87 -1.48
CA TYR A 289 -17.83 3.98 -1.53
C TYR A 289 -18.84 3.85 -2.65
N PHE A 290 -18.38 3.73 -3.90
CA PHE A 290 -19.28 3.78 -5.03
C PHE A 290 -20.22 2.58 -5.08
N SER A 291 -19.94 1.54 -4.31
CA SER A 291 -20.85 0.41 -4.25
C SER A 291 -22.12 0.71 -3.45
N SER A 292 -22.07 1.68 -2.55
CA SER A 292 -23.24 2.04 -1.77
C SER A 292 -24.28 2.70 -2.69
N PRO A 293 -25.58 2.58 -2.35
CA PRO A 293 -26.62 3.20 -3.20
C PRO A 293 -26.69 4.71 -3.05
N SER A 294 -25.85 5.43 -3.80
CA SER A 294 -25.85 6.89 -3.77
C SER A 294 -26.13 7.47 -5.15
C1 XI9 B . 9.27 3.22 -5.78
C2 XI9 B . 10.53 3.27 -6.64
C3 XI9 B . 11.72 3.38 -5.74
C4 XI9 B . 11.15 3.19 -4.39
C5 XI9 B . 9.82 3.11 -4.39
C6 XI9 B . 9.40 2.93 -3.09
C7 XI9 B . 8.07 2.78 -2.53
C8 XI9 B . 11.35 4.51 -6.63
N1 XI9 B . 11.57 3.07 -3.11
N2 XI9 B . 10.49 2.92 -2.30
N3 XI9 B . 7.78 2.63 -1.24
N4 XI9 B . 6.45 2.52 -1.13
N5 XI9 B . 5.96 2.62 -2.33
N6 XI9 B . 6.95 2.78 -3.23
#